data_5GGO
#
_entry.id   5GGO
#
_cell.length_a   70.016
_cell.length_b   89.705
_cell.length_c   53.358
_cell.angle_alpha   90.00
_cell.angle_beta   90.00
_cell.angle_gamma   90.00
#
_symmetry.space_group_name_H-M   'P 21 21 2'
#
loop_
_entity.id
_entity.type
_entity.pdbx_description
1 polymer 'Protein O-linked-mannose beta-1,2-N-acetylglucosaminyltransferase 1'
2 branched '2-acetamido-2-deoxy-beta-D-galactopyranose-(1-3)-4-nitrophenyl 2-acetamido-2-deoxy-beta-D-glucopyranoside'
3 non-polymer 1,2-ETHANEDIOL
4 water water
#
_entity_poly.entity_id   1
_entity_poly.type   'polypeptide(L)'
_entity_poly.pdbx_seq_one_letter_code
;GPLGSGSGPRRVLDVEVYSSRSKVYVAVDGTTVLEDEAREQGRGIHVIVLNQATGHVMAKRVFDTYSPHEDEAMVLFLNM
VAPGRVLICTVKDEGSFHLKDTAKALLRSLGSQAGPALGWRDTWAFVGRKGGPVFGEKHSKSPALSSWGDPVLLKTDVPL
SSAE
;
_entity_poly.pdbx_strand_id   A,B
#
# COMPACT_ATOMS: atom_id res chain seq x y z
N ARG A 11 7.77 10.93 -7.95
CA ARG A 11 6.73 10.74 -6.94
C ARG A 11 6.70 9.29 -6.46
N VAL A 12 7.80 8.57 -6.73
CA VAL A 12 7.95 7.21 -6.27
C VAL A 12 9.37 6.95 -5.84
N LEU A 13 9.54 5.95 -4.99
CA LEU A 13 10.85 5.37 -4.62
C LEU A 13 10.95 4.00 -5.21
N ASP A 14 12.09 3.69 -5.81
CA ASP A 14 12.36 2.35 -6.28
C ASP A 14 13.07 1.60 -5.18
N VAL A 15 12.37 0.70 -4.51
CA VAL A 15 12.93 0.03 -3.33
C VAL A 15 13.22 -1.43 -3.63
N GLU A 16 14.43 -1.91 -3.33
CA GLU A 16 14.80 -3.29 -3.51
C GLU A 16 15.16 -3.85 -2.15
N VAL A 17 14.62 -5.01 -1.81
CA VAL A 17 14.86 -5.63 -0.50
C VAL A 17 15.25 -7.09 -0.70
N TYR A 18 16.38 -7.50 -0.15
CA TYR A 18 16.88 -8.86 -0.31
C TYR A 18 17.06 -9.56 1.03
N SER A 19 16.55 -10.78 1.12
CA SER A 19 16.55 -11.58 2.35
C SER A 19 17.13 -12.94 1.97
N SER A 20 18.11 -13.43 2.73
CA SER A 20 18.68 -14.76 2.48
C SER A 20 19.37 -15.33 3.70
N ARG A 21 19.85 -16.58 3.58
CA ARG A 21 20.63 -17.16 4.62
C ARG A 21 21.84 -16.33 5.05
N SER A 22 22.61 -15.83 4.07
CA SER A 22 23.91 -15.27 4.37
C SER A 22 24.05 -13.79 4.03
N LYS A 23 22.97 -13.17 3.54
CA LYS A 23 23.06 -11.78 3.03
C LYS A 23 21.74 -11.04 3.05
N VAL A 24 21.79 -9.80 3.55
CA VAL A 24 20.69 -8.90 3.31
C VAL A 24 21.22 -7.63 2.65
N TYR A 25 20.30 -7.00 1.90
CA TYR A 25 20.50 -5.60 1.52
C TYR A 25 19.20 -4.91 1.18
N VAL A 26 19.24 -3.57 1.22
CA VAL A 26 18.10 -2.72 0.85
C VAL A 26 18.71 -1.64 -0.01
N ALA A 27 18.10 -1.45 -1.18
CA ALA A 27 18.47 -0.30 -2.05
C ALA A 27 17.26 0.62 -2.26
N VAL A 28 17.56 1.91 -2.33
CA VAL A 28 16.52 2.93 -2.51
C VAL A 28 16.99 3.77 -3.69
N ASP A 29 16.19 3.79 -4.75
CA ASP A 29 16.50 4.56 -6.00
C ASP A 29 17.90 4.20 -6.53
N GLY A 30 18.21 2.93 -6.44
CA GLY A 30 19.44 2.39 -7.01
C GLY A 30 20.66 2.53 -6.15
N THR A 31 20.50 2.95 -4.91
CA THR A 31 21.62 3.17 -3.98
C THR A 31 21.46 2.20 -2.82
N THR A 32 22.51 1.45 -2.46
CA THR A 32 22.38 0.51 -1.34
C THR A 32 22.52 1.26 -0.02
N VAL A 33 21.46 1.18 0.82
CA VAL A 33 21.45 1.87 2.09
C VAL A 33 21.63 0.93 3.26
N LEU A 34 21.58 -0.36 2.97
CA LEU A 34 21.85 -1.35 4.01
C LEU A 34 22.45 -2.55 3.31
N GLU A 35 23.55 -3.08 3.85
CA GLU A 35 24.10 -4.31 3.29
C GLU A 35 24.82 -5.06 4.41
N ASP A 36 24.49 -6.35 4.53
CA ASP A 36 25.20 -7.18 5.50
C ASP A 36 25.39 -8.56 4.94
N GLU A 37 26.66 -8.86 4.63
CA GLU A 37 27.04 -10.23 4.25
C GLU A 37 28.17 -10.71 5.16
N ALA A 38 28.26 -10.17 6.35
CA ALA A 38 29.29 -10.62 7.28
C ALA A 38 29.01 -12.06 7.73
N ARG A 39 30.07 -12.86 7.87
CA ARG A 39 29.91 -14.29 8.10
C ARG A 39 29.36 -14.64 9.47
N GLU A 40 29.70 -13.85 10.49
CA GLU A 40 29.36 -14.22 11.86
C GLU A 40 28.63 -13.12 12.64
N GLN A 41 27.94 -12.22 11.94
CA GLN A 41 27.13 -11.22 12.62
C GLN A 41 25.88 -10.92 11.78
N GLY A 42 25.00 -10.08 12.31
CA GLY A 42 23.90 -9.58 11.52
C GLY A 42 22.70 -10.49 11.42
N ARG A 43 22.63 -11.52 12.26
CA ARG A 43 21.48 -12.41 12.17
C ARG A 43 20.21 -11.71 12.61
N GLY A 44 19.08 -12.00 11.98
CA GLY A 44 17.80 -11.53 12.52
C GLY A 44 17.04 -10.69 11.53
N ILE A 45 16.20 -9.80 12.07
CA ILE A 45 15.33 -8.93 11.24
C ILE A 45 16.01 -7.56 11.19
N HIS A 46 16.37 -7.14 9.98
CA HIS A 46 16.92 -5.82 9.70
C HIS A 46 15.77 -4.89 9.41
N VAL A 47 15.77 -3.71 10.03
CA VAL A 47 14.64 -2.78 9.88
C VAL A 47 15.20 -1.47 9.43
N ILE A 48 14.64 -0.93 8.34
CA ILE A 48 15.04 0.42 7.94
C ILE A 48 13.76 1.27 7.81
N VAL A 49 13.86 2.53 8.28
CA VAL A 49 12.72 3.47 8.30
C VAL A 49 13.08 4.62 7.39
N LEU A 50 12.22 4.93 6.40
CA LEU A 50 12.48 6.03 5.48
C LEU A 50 11.49 7.18 5.68
N ASN A 51 11.97 8.40 5.46
CA ASN A 51 11.06 9.55 5.34
C ASN A 51 10.16 9.38 4.10
N GLN A 52 8.89 9.62 4.28
CA GLN A 52 7.90 9.22 3.27
C GLN A 52 7.80 10.24 2.15
N ALA A 53 8.49 11.37 2.28
CA ALA A 53 8.54 12.38 1.20
C ALA A 53 9.84 12.37 0.44
N THR A 54 10.96 12.08 1.12
CA THR A 54 12.24 12.18 0.47
C THR A 54 12.93 10.84 0.27
N GLY A 55 12.52 9.86 1.03
CA GLY A 55 13.23 8.59 1.01
C GLY A 55 14.51 8.54 1.84
N HIS A 56 14.82 9.60 2.56
CA HIS A 56 16.01 9.62 3.44
C HIS A 56 15.85 8.59 4.58
N VAL A 57 16.96 7.92 4.93
CA VAL A 57 16.94 6.94 6.00
C VAL A 57 16.87 7.62 7.36
N MET A 58 15.81 7.29 8.10
CA MET A 58 15.59 7.89 9.42
C MET A 58 16.13 7.01 10.51
N ALA A 59 16.20 5.71 10.26
CA ALA A 59 16.71 4.77 11.25
C ALA A 59 17.05 3.46 10.60
N LYS A 60 18.03 2.75 11.20
CA LYS A 60 18.49 1.44 10.76
C LYS A 60 18.68 0.62 12.01
N ARG A 61 18.11 -0.57 12.07
CA ARG A 61 18.29 -1.43 13.22
C ARG A 61 18.45 -2.86 12.77
N VAL A 62 19.02 -3.71 13.62
CA VAL A 62 18.93 -5.15 13.43
C VAL A 62 18.56 -5.75 14.78
N PHE A 63 17.56 -6.59 14.75
CA PHE A 63 17.10 -7.31 15.94
C PHE A 63 17.30 -8.81 15.76
N ASP A 64 18.15 -9.39 16.62
CA ASP A 64 18.49 -10.81 16.48
C ASP A 64 17.36 -11.63 17.11
N THR A 65 16.24 -11.73 16.38
CA THR A 65 15.08 -12.39 16.93
C THR A 65 15.20 -13.94 16.91
N TYR A 66 16.38 -14.47 16.58
CA TYR A 66 16.71 -15.87 16.91
C TYR A 66 16.98 -16.01 18.41
N SER A 67 17.32 -14.90 19.09
CA SER A 67 17.72 -14.88 20.49
C SER A 67 16.63 -14.21 21.34
N PRO A 68 16.46 -14.62 22.59
CA PRO A 68 15.44 -13.98 23.44
C PRO A 68 15.69 -12.47 23.62
N HIS A 69 14.57 -11.78 23.81
CA HIS A 69 14.48 -10.36 24.21
C HIS A 69 14.61 -9.37 23.06
N GLU A 70 15.14 -9.85 21.94
CA GLU A 70 15.30 -8.95 20.81
C GLU A 70 13.93 -8.55 20.20
N ASP A 71 12.98 -9.48 20.21
CA ASP A 71 11.65 -9.11 19.74
C ASP A 71 11.01 -8.01 20.58
N GLU A 72 11.24 -8.03 21.90
CA GLU A 72 10.77 -6.96 22.78
C GLU A 72 11.38 -5.62 22.40
N ALA A 73 12.67 -5.61 22.13
CA ALA A 73 13.31 -4.37 21.65
C ALA A 73 12.71 -3.92 20.33
N MET A 74 12.42 -4.88 19.45
CA MET A 74 11.84 -4.53 18.14
C MET A 74 10.48 -3.87 18.33
N VAL A 75 9.69 -4.42 19.24
CA VAL A 75 8.34 -3.90 19.46
C VAL A 75 8.41 -2.47 20.02
N LEU A 76 9.29 -2.25 20.99
CA LEU A 76 9.43 -0.92 21.54
C LEU A 76 9.91 0.07 20.46
N PHE A 77 10.81 -0.35 19.57
CA PHE A 77 11.27 0.53 18.50
C PHE A 77 10.16 0.83 17.49
N LEU A 78 9.50 -0.22 17.00
CA LEU A 78 8.47 -0.01 15.98
C LEU A 78 7.31 0.80 16.50
N ASN A 79 7.02 0.69 17.78
CA ASN A 79 5.88 1.47 18.29
C ASN A 79 6.20 2.97 18.35
N MET A 80 7.49 3.34 18.34
CA MET A 80 7.84 4.76 18.31
C MET A 80 7.94 5.30 16.89
N VAL A 81 7.94 4.42 15.87
CA VAL A 81 7.95 4.88 14.47
C VAL A 81 6.62 5.57 14.09
N ALA A 82 6.72 6.75 13.50
CA ALA A 82 5.50 7.50 13.11
C ALA A 82 4.70 6.78 12.03
N PRO A 83 3.36 6.91 12.11
CA PRO A 83 2.54 6.26 11.08
C PRO A 83 2.91 6.86 9.76
N GLY A 84 2.81 6.18 8.66
CA GLY A 84 3.23 7.03 7.54
C GLY A 84 4.71 7.05 7.15
N ARG A 85 5.64 6.78 8.06
CA ARG A 85 6.95 6.37 7.60
C ARG A 85 6.90 5.17 6.70
N VAL A 86 7.91 5.06 5.81
CA VAL A 86 8.11 3.82 5.07
C VAL A 86 8.91 2.82 5.96
N LEU A 87 8.33 1.65 6.16
CA LEU A 87 8.96 0.62 7.00
C LEU A 87 9.41 -0.56 6.15
N ILE A 88 10.69 -0.94 6.30
CA ILE A 88 11.26 -2.00 5.48
C ILE A 88 11.87 -3.04 6.40
N CYS A 89 11.54 -4.32 6.20
CA CYS A 89 12.11 -5.37 7.02
C CYS A 89 12.74 -6.43 6.13
N THR A 90 13.84 -7.03 6.58
CA THR A 90 14.38 -8.16 5.83
C THR A 90 15.13 -9.09 6.76
N VAL A 91 15.02 -10.40 6.52
CA VAL A 91 15.61 -11.39 7.43
C VAL A 91 16.98 -11.92 6.91
N LYS A 92 17.96 -11.98 7.80
CA LYS A 92 19.25 -12.64 7.55
C LYS A 92 19.30 -13.89 8.43
N ASP A 93 19.46 -15.07 7.81
CA ASP A 93 19.69 -16.36 8.50
C ASP A 93 18.42 -16.87 9.21
N GLU A 94 18.05 -16.30 10.35
CA GLU A 94 16.93 -16.81 11.10
C GLU A 94 16.32 -15.67 11.89
N GLY A 95 15.00 -15.51 11.80
CA GLY A 95 14.37 -14.39 12.48
C GLY A 95 13.17 -14.80 13.31
N SER A 96 12.93 -16.09 13.43
CA SER A 96 11.64 -16.55 14.01
C SER A 96 11.67 -17.21 15.39
N PHE A 97 12.81 -17.74 15.79
CA PHE A 97 12.81 -18.64 16.99
C PHE A 97 12.26 -17.90 18.22
N HIS A 98 12.68 -16.64 18.39
CA HIS A 98 12.16 -15.80 19.46
C HIS A 98 11.36 -14.57 18.97
N LEU A 99 10.64 -14.73 17.87
CA LEU A 99 9.72 -13.69 17.38
C LEU A 99 8.40 -14.11 17.98
N LYS A 100 8.09 -13.57 19.14
CA LYS A 100 6.98 -14.15 19.87
C LYS A 100 5.66 -13.37 19.64
N ASP A 101 4.62 -13.73 20.39
CA ASP A 101 3.27 -13.33 19.95
C ASP A 101 3.04 -11.82 19.89
N THR A 102 3.59 -11.01 20.82
CA THR A 102 3.32 -9.59 20.76
C THR A 102 3.94 -8.98 19.51
N ALA A 103 5.17 -9.37 19.21
CA ALA A 103 5.80 -8.91 17.97
C ALA A 103 5.05 -9.39 16.70
N LYS A 104 4.60 -10.65 16.69
CA LYS A 104 3.85 -11.12 15.53
C LYS A 104 2.53 -10.34 15.38
N ALA A 105 1.89 -10.02 16.50
CA ALA A 105 0.64 -9.25 16.44
C ALA A 105 0.92 -7.86 15.91
N LEU A 106 2.05 -7.27 16.28
CA LEU A 106 2.37 -5.95 15.77
C LEU A 106 2.59 -6.02 14.26
N LEU A 107 3.35 -7.02 13.78
CA LEU A 107 3.54 -7.14 12.35
C LEU A 107 2.20 -7.36 11.64
N ARG A 108 1.32 -8.15 12.23
CA ARG A 108 -0.03 -8.35 11.64
C ARG A 108 -0.73 -7.01 11.52
N SER A 109 -0.57 -6.15 12.53
CA SER A 109 -1.28 -4.87 12.55
C SER A 109 -0.78 -3.96 11.44
N LEU A 110 0.43 -4.20 10.92
CA LEU A 110 0.92 -3.42 9.77
C LEU A 110 0.37 -3.90 8.45
N GLY A 111 -0.32 -5.03 8.48
CA GLY A 111 -0.79 -5.65 7.26
C GLY A 111 0.10 -6.72 6.73
N SER A 112 1.21 -6.97 7.42
CA SER A 112 2.08 -8.05 6.98
C SER A 112 1.40 -9.41 7.02
N GLN A 113 1.61 -10.19 5.98
CA GLN A 113 1.05 -11.55 5.89
C GLN A 113 2.06 -12.55 6.35
N ALA A 114 3.30 -12.38 5.92
CA ALA A 114 4.37 -13.35 6.18
C ALA A 114 4.96 -13.18 7.58
N GLY A 115 5.07 -11.96 8.04
CA GLY A 115 5.72 -11.72 9.32
C GLY A 115 5.08 -12.43 10.50
N PRO A 116 3.74 -12.37 10.60
CA PRO A 116 3.12 -13.08 11.72
C PRO A 116 3.22 -14.60 11.60
N ALA A 117 3.52 -15.09 10.41
CA ALA A 117 3.64 -16.49 10.11
C ALA A 117 5.11 -16.94 10.03
N LEU A 118 6.06 -16.08 10.33
CA LEU A 118 7.46 -16.41 10.05
C LEU A 118 7.92 -17.63 10.81
N GLY A 119 8.56 -18.54 10.10
CA GLY A 119 9.08 -19.78 10.70
C GLY A 119 10.57 -19.99 10.53
N TRP A 120 11.04 -21.14 11.05
CA TRP A 120 12.45 -21.50 11.16
C TRP A 120 13.19 -21.35 9.83
N ARG A 121 14.12 -20.39 9.83
CA ARG A 121 15.03 -20.11 8.71
C ARG A 121 14.29 -19.72 7.45
N ASP A 122 13.05 -19.23 7.56
CA ASP A 122 12.33 -18.60 6.44
C ASP A 122 13.00 -17.29 6.06
N THR A 123 12.93 -16.97 4.78
CA THR A 123 13.36 -15.65 4.32
C THR A 123 12.13 -14.79 4.12
N TRP A 124 12.28 -13.49 4.27
CA TRP A 124 11.18 -12.55 4.32
C TRP A 124 11.68 -11.14 4.03
N ALA A 125 11.00 -10.50 3.08
CA ALA A 125 11.23 -9.11 2.71
C ALA A 125 9.91 -8.37 2.69
N PHE A 126 9.90 -7.15 3.25
CA PHE A 126 8.68 -6.42 3.49
C PHE A 126 8.91 -4.93 3.28
N VAL A 127 7.97 -4.26 2.62
CA VAL A 127 7.93 -2.80 2.46
C VAL A 127 6.51 -2.32 2.66
N GLY A 128 6.26 -1.46 3.64
CA GLY A 128 4.93 -0.89 3.84
C GLY A 128 4.95 0.49 4.51
N ARG A 129 3.84 1.24 4.42
CA ARG A 129 3.65 2.45 5.21
C ARG A 129 3.33 2.03 6.62
N LYS A 130 3.94 2.66 7.64
CA LYS A 130 3.76 2.18 9.02
C LYS A 130 2.30 2.06 9.36
N GLY A 131 1.54 3.12 9.10
CA GLY A 131 0.11 3.06 9.40
C GLY A 131 -0.79 2.48 8.32
N GLY A 132 -0.20 1.74 7.37
CA GLY A 132 -0.93 1.13 6.27
C GLY A 132 -0.92 1.96 5.01
N PRO A 133 -1.01 1.30 3.85
CA PRO A 133 -1.02 -0.13 3.61
C PRO A 133 0.37 -0.72 3.33
N VAL A 134 0.40 -2.03 3.12
CA VAL A 134 1.59 -2.80 2.66
C VAL A 134 1.83 -2.49 1.18
N PHE A 135 3.09 -2.29 0.79
CA PHE A 135 3.40 -2.01 -0.62
C PHE A 135 3.97 -3.24 -1.33
N GLY A 136 4.82 -4.02 -0.66
CA GLY A 136 5.37 -5.22 -1.25
C GLY A 136 5.71 -6.20 -0.14
N GLU A 137 5.63 -7.48 -0.43
CA GLU A 137 6.06 -8.53 0.54
C GLU A 137 6.43 -9.79 -0.19
N LYS A 138 7.54 -10.44 0.19
CA LYS A 138 7.88 -11.78 -0.28
C LYS A 138 8.32 -12.66 0.89
N HIS A 139 8.20 -13.98 0.76
CA HIS A 139 8.44 -14.92 1.86
C HIS A 139 8.79 -16.24 1.21
N SER A 140 9.86 -16.89 1.65
CA SER A 140 10.15 -18.26 1.23
C SER A 140 10.25 -19.14 2.47
N LYS A 141 9.38 -20.13 2.57
CA LYS A 141 9.46 -21.06 3.70
C LYS A 141 10.67 -22.00 3.62
N SER A 142 11.41 -22.17 4.70
CA SER A 142 12.44 -23.19 4.69
C SER A 142 11.84 -24.59 4.46
N PRO A 143 12.47 -25.41 3.61
CA PRO A 143 11.90 -26.74 3.33
C PRO A 143 12.25 -27.79 4.39
N ALA A 144 13.19 -27.48 5.28
CA ALA A 144 13.64 -28.49 6.23
C ALA A 144 14.43 -27.83 7.35
N LEU A 145 14.42 -28.44 8.54
CA LEU A 145 15.14 -27.85 9.66
C LEU A 145 16.61 -27.56 9.38
N SER A 146 17.25 -28.35 8.51
CA SER A 146 18.65 -28.15 8.16
C SER A 146 18.84 -27.22 6.95
N SER A 147 17.75 -26.67 6.44
CA SER A 147 17.81 -25.80 5.26
C SER A 147 17.28 -24.40 5.54
N TRP A 148 17.48 -23.50 4.58
CA TRP A 148 16.96 -22.16 4.64
C TRP A 148 15.95 -21.91 3.54
N GLY A 149 15.13 -20.88 3.72
CA GLY A 149 14.28 -20.45 2.63
C GLY A 149 15.15 -19.97 1.48
N ASP A 150 14.55 -19.89 0.31
CA ASP A 150 15.25 -19.39 -0.87
C ASP A 150 15.52 -17.91 -0.72
N PRO A 151 16.65 -17.42 -1.25
CA PRO A 151 16.77 -15.95 -1.24
C PRO A 151 15.56 -15.30 -1.91
N VAL A 152 15.11 -14.14 -1.41
CA VAL A 152 14.01 -13.45 -2.04
C VAL A 152 14.45 -12.03 -2.28
N LEU A 153 14.09 -11.53 -3.47
CA LEU A 153 14.43 -10.17 -3.87
C LEU A 153 13.14 -9.44 -4.24
N LEU A 154 12.71 -8.54 -3.39
CA LEU A 154 11.47 -7.81 -3.55
C LEU A 154 11.81 -6.49 -4.20
N LYS A 155 11.15 -6.17 -5.32
CA LYS A 155 11.31 -4.84 -5.90
C LYS A 155 9.99 -4.17 -5.91
N THR A 156 9.91 -2.98 -5.33
CA THR A 156 8.63 -2.35 -5.08
C THR A 156 8.73 -0.87 -5.34
N ASP A 157 7.73 -0.32 -6.07
CA ASP A 157 7.65 1.12 -6.23
C ASP A 157 6.77 1.64 -5.11
N VAL A 158 7.34 2.51 -4.29
CA VAL A 158 6.69 3.05 -3.10
C VAL A 158 6.25 4.47 -3.39
N PRO A 159 4.96 4.76 -3.17
CA PRO A 159 4.50 6.12 -3.44
C PRO A 159 5.06 7.13 -2.46
N LEU A 160 5.49 8.30 -2.96
CA LEU A 160 6.01 9.35 -2.09
C LEU A 160 4.94 10.34 -1.73
N SER A 161 5.00 10.85 -0.50
CA SER A 161 4.17 11.97 -0.07
C SER A 161 4.73 13.26 -0.58
N SER A 162 3.84 14.25 -0.72
CA SER A 162 4.26 15.56 -1.20
C SER A 162 3.65 16.72 -0.40
N ALA A 163 4.22 17.91 -0.61
CA ALA A 163 3.60 19.23 -0.37
C ALA A 163 4.18 19.86 0.87
N VAL B 12 -13.94 15.17 11.84
CA VAL B 12 -13.07 15.14 10.66
C VAL B 12 -12.51 13.73 10.41
N LEU B 13 -12.76 13.17 9.21
CA LEU B 13 -12.31 11.83 8.85
C LEU B 13 -10.90 11.86 8.29
N ASP B 14 -10.08 10.90 8.66
CA ASP B 14 -8.78 10.72 8.03
C ASP B 14 -8.94 9.68 6.94
N VAL B 15 -8.89 10.10 5.69
CA VAL B 15 -9.16 9.18 4.60
C VAL B 15 -7.92 8.90 3.79
N GLU B 16 -7.62 7.61 3.61
CA GLU B 16 -6.43 7.18 2.87
C GLU B 16 -6.88 6.36 1.69
N VAL B 17 -6.36 6.66 0.49
CA VAL B 17 -6.79 6.00 -0.76
C VAL B 17 -5.59 5.64 -1.62
N TYR B 18 -5.47 4.35 -1.93
CA TYR B 18 -4.32 3.83 -2.68
C TYR B 18 -4.80 3.26 -4.01
N SER B 19 -4.13 3.70 -5.08
CA SER B 19 -4.37 3.17 -6.42
C SER B 19 -3.08 2.64 -7.01
N SER B 20 -3.15 1.49 -7.64
CA SER B 20 -1.95 0.92 -8.24
C SER B 20 -2.32 -0.17 -9.23
N ARG B 21 -1.30 -0.63 -9.94
CA ARG B 21 -1.48 -1.73 -10.84
C ARG B 21 -2.21 -2.95 -10.24
N SER B 22 -1.79 -3.36 -9.04
CA SER B 22 -2.17 -4.67 -8.47
C SER B 22 -3.04 -4.61 -7.24
N LYS B 23 -3.30 -3.42 -6.73
CA LYS B 23 -3.91 -3.33 -5.41
C LYS B 23 -4.59 -1.98 -5.24
N VAL B 24 -5.81 -2.03 -4.71
CA VAL B 24 -6.43 -0.80 -4.17
C VAL B 24 -6.64 -0.98 -2.68
N TYR B 25 -6.66 0.13 -1.97
CA TYR B 25 -6.83 0.15 -0.52
C TYR B 25 -7.48 1.45 -0.13
N VAL B 26 -8.51 1.37 0.73
CA VAL B 26 -9.06 2.59 1.28
C VAL B 26 -9.20 2.42 2.79
N ALA B 27 -8.75 3.41 3.57
CA ALA B 27 -9.02 3.39 5.03
C ALA B 27 -9.67 4.68 5.49
N VAL B 28 -10.48 4.56 6.56
CA VAL B 28 -11.16 5.72 7.10
C VAL B 28 -10.93 5.71 8.61
N ASP B 29 -10.25 6.75 9.12
CA ASP B 29 -9.90 6.75 10.55
C ASP B 29 -9.21 5.47 11.00
N GLY B 30 -8.23 5.03 10.21
CA GLY B 30 -7.43 3.85 10.52
C GLY B 30 -8.15 2.51 10.40
N THR B 31 -9.35 2.50 9.84
CA THR B 31 -10.05 1.25 9.63
C THR B 31 -10.11 0.98 8.13
N THR B 32 -9.55 -0.13 7.69
CA THR B 32 -9.65 -0.51 6.31
C THR B 32 -11.12 -0.76 5.89
N VAL B 33 -11.58 -0.07 4.85
CA VAL B 33 -12.93 -0.27 4.35
C VAL B 33 -12.90 -0.90 2.94
N LEU B 34 -11.72 -0.88 2.31
CA LEU B 34 -11.50 -1.60 1.06
C LEU B 34 -10.08 -2.09 0.94
N GLU B 35 -9.92 -3.36 0.56
CA GLU B 35 -8.57 -3.83 0.18
C GLU B 35 -8.78 -4.91 -0.84
N ASP B 36 -8.21 -4.72 -2.04
CA ASP B 36 -8.37 -5.69 -3.11
C ASP B 36 -7.06 -5.83 -3.83
N GLU B 37 -6.48 -7.02 -3.73
CA GLU B 37 -5.27 -7.34 -4.50
C GLU B 37 -5.45 -8.67 -5.20
N ALA B 38 -6.70 -9.01 -5.49
CA ALA B 38 -7.06 -10.28 -6.10
C ALA B 38 -6.51 -10.36 -7.51
N ARG B 39 -6.08 -11.55 -7.93
CA ARG B 39 -5.30 -11.67 -9.15
C ARG B 39 -6.15 -11.50 -10.40
N GLU B 40 -7.36 -12.05 -10.40
CA GLU B 40 -8.19 -12.02 -11.63
C GLU B 40 -9.56 -11.42 -11.42
N GLN B 41 -9.71 -10.61 -10.37
CA GLN B 41 -10.96 -9.89 -10.16
C GLN B 41 -10.65 -8.47 -9.68
N GLY B 42 -11.64 -7.60 -9.75
CA GLY B 42 -11.50 -6.29 -9.17
C GLY B 42 -10.86 -5.22 -10.05
N ARG B 43 -10.65 -5.52 -11.34
CA ARG B 43 -10.12 -4.49 -12.24
C ARG B 43 -11.10 -3.36 -12.38
N GLY B 44 -10.57 -2.13 -12.43
CA GLY B 44 -11.42 -1.00 -12.85
C GLY B 44 -11.51 0.08 -11.80
N ILE B 45 -12.63 0.81 -11.81
CA ILE B 45 -12.81 1.93 -10.86
C ILE B 45 -13.60 1.43 -9.65
N HIS B 46 -12.97 1.49 -8.48
CA HIS B 46 -13.67 1.23 -7.22
C HIS B 46 -14.29 2.50 -6.69
N VAL B 47 -15.54 2.38 -6.27
CA VAL B 47 -16.25 3.54 -5.79
C VAL B 47 -16.79 3.25 -4.43
N ILE B 48 -16.47 4.12 -3.47
CA ILE B 48 -16.98 4.00 -2.09
C ILE B 48 -17.77 5.27 -1.75
N VAL B 49 -18.93 5.11 -1.12
CA VAL B 49 -19.78 6.24 -0.77
C VAL B 49 -19.89 6.26 0.71
N LEU B 50 -19.51 7.36 1.31
CA LEU B 50 -19.64 7.54 2.74
C LEU B 50 -20.79 8.47 3.09
N ASN B 51 -21.48 8.12 4.17
CA ASN B 51 -22.36 9.08 4.84
C ASN B 51 -21.58 10.29 5.37
N GLN B 52 -22.02 11.49 4.99
CA GLN B 52 -21.25 12.68 5.31
C GLN B 52 -21.33 13.06 6.81
N ALA B 53 -22.31 12.49 7.50
CA ALA B 53 -22.54 12.82 8.91
C ALA B 53 -21.78 11.86 9.85
N THR B 54 -21.67 10.61 9.45
CA THR B 54 -21.06 9.58 10.30
C THR B 54 -19.70 9.09 9.84
N GLY B 55 -19.43 9.19 8.54
CA GLY B 55 -18.21 8.63 7.99
C GLY B 55 -18.32 7.16 7.66
N HIS B 56 -19.47 6.57 7.92
CA HIS B 56 -19.65 5.14 7.67
C HIS B 56 -19.90 4.87 6.21
N VAL B 57 -19.41 3.74 5.76
CA VAL B 57 -19.62 3.32 4.39
C VAL B 57 -21.09 3.01 4.15
N MET B 58 -21.70 3.69 3.17
CA MET B 58 -23.06 3.39 2.71
C MET B 58 -23.08 2.38 1.58
N ALA B 59 -22.10 2.43 0.67
CA ALA B 59 -22.08 1.54 -0.49
C ALA B 59 -20.65 1.42 -1.03
N LYS B 60 -20.33 0.23 -1.52
CA LYS B 60 -19.05 -0.04 -2.20
C LYS B 60 -19.33 -0.71 -3.52
N ARG B 61 -18.68 -0.27 -4.58
CA ARG B 61 -18.86 -0.89 -5.89
C ARG B 61 -17.53 -1.00 -6.61
N VAL B 62 -17.48 -1.84 -7.64
CA VAL B 62 -16.37 -1.77 -8.57
C VAL B 62 -16.91 -1.94 -9.99
N PHE B 63 -16.41 -1.08 -10.90
CA PHE B 63 -16.86 -1.10 -12.29
C PHE B 63 -15.67 -1.34 -13.21
N ASP B 64 -15.75 -2.41 -13.98
CA ASP B 64 -14.65 -2.81 -14.82
C ASP B 64 -14.67 -2.01 -16.10
N THR B 65 -14.30 -0.73 -15.99
CA THR B 65 -14.46 0.17 -17.12
C THR B 65 -13.40 0.02 -18.21
N TYR B 66 -12.43 -0.86 -17.98
CA TYR B 66 -11.60 -1.37 -19.07
C TYR B 66 -12.45 -2.11 -20.13
N SER B 67 -13.54 -2.73 -19.67
CA SER B 67 -14.38 -3.55 -20.53
C SER B 67 -15.58 -2.78 -21.03
N PRO B 68 -16.06 -3.11 -22.22
CA PRO B 68 -17.22 -2.39 -22.74
C PRO B 68 -18.47 -2.43 -21.85
N HIS B 69 -19.11 -1.26 -21.70
CA HIS B 69 -20.44 -1.05 -21.16
C HIS B 69 -20.50 -0.98 -19.65
N GLU B 70 -19.41 -1.35 -18.96
CA GLU B 70 -19.41 -1.29 -17.52
C GLU B 70 -19.54 0.15 -17.02
N ASP B 71 -19.09 1.10 -17.83
CA ASP B 71 -19.22 2.52 -17.46
C ASP B 71 -20.68 2.96 -17.32
N GLU B 72 -21.60 2.33 -18.06
CA GLU B 72 -23.03 2.66 -17.95
C GLU B 72 -23.59 2.32 -16.58
N ALA B 73 -23.14 1.18 -16.04
CA ALA B 73 -23.49 0.83 -14.66
C ALA B 73 -22.94 1.82 -13.66
N MET B 74 -21.71 2.30 -13.92
CA MET B 74 -21.14 3.28 -13.01
C MET B 74 -21.92 4.59 -13.03
N VAL B 75 -22.33 5.02 -14.23
CA VAL B 75 -23.12 6.26 -14.38
C VAL B 75 -24.45 6.16 -13.63
N LEU B 76 -25.10 5.02 -13.74
CA LEU B 76 -26.38 4.82 -13.03
C LEU B 76 -26.15 4.95 -11.53
N PHE B 77 -25.11 4.26 -11.05
CA PHE B 77 -24.82 4.33 -9.63
C PHE B 77 -24.44 5.72 -9.12
N LEU B 78 -23.51 6.41 -9.83
CA LEU B 78 -23.10 7.72 -9.41
C LEU B 78 -24.24 8.75 -9.43
N ASN B 79 -25.14 8.59 -10.37
CA ASN B 79 -26.23 9.58 -10.42
C ASN B 79 -27.22 9.35 -9.30
N MET B 80 -27.17 8.17 -8.67
CA MET B 80 -28.02 7.90 -7.46
C MET B 80 -27.38 8.42 -6.18
N VAL B 81 -26.11 8.81 -6.24
CA VAL B 81 -25.49 9.35 -5.06
C VAL B 81 -26.12 10.68 -4.67
N ALA B 82 -26.51 10.83 -3.42
CA ALA B 82 -27.07 12.12 -2.97
C ALA B 82 -26.04 13.24 -2.95
N PRO B 83 -26.45 14.46 -3.31
CA PRO B 83 -25.62 15.60 -2.98
C PRO B 83 -25.24 15.59 -1.52
N GLY B 84 -23.98 15.85 -1.23
CA GLY B 84 -23.49 15.92 0.12
C GLY B 84 -22.78 14.65 0.56
N ARG B 85 -22.98 13.54 -0.19
CA ARG B 85 -22.21 12.34 0.20
C ARG B 85 -20.74 12.53 -0.13
N VAL B 86 -19.89 11.78 0.55
CA VAL B 86 -18.47 11.73 0.28
C VAL B 86 -18.19 10.58 -0.69
N LEU B 87 -17.69 10.92 -1.87
CA LEU B 87 -17.34 9.94 -2.89
C LEU B 87 -15.83 9.69 -2.90
N ILE B 88 -15.49 8.40 -2.92
CA ILE B 88 -14.10 7.96 -3.02
C ILE B 88 -14.00 7.10 -4.27
N CYS B 89 -13.03 7.40 -5.13
CA CYS B 89 -12.74 6.56 -6.31
C CYS B 89 -11.28 6.15 -6.34
N THR B 90 -11.06 4.91 -6.75
CA THR B 90 -9.67 4.48 -6.89
C THR B 90 -9.58 3.40 -7.95
N VAL B 91 -8.51 3.48 -8.74
CA VAL B 91 -8.35 2.51 -9.82
C VAL B 91 -7.44 1.34 -9.48
N LYS B 92 -7.87 0.16 -9.90
CA LYS B 92 -7.03 -1.08 -9.83
C LYS B 92 -6.77 -1.47 -11.25
N ASP B 93 -5.50 -1.50 -11.63
CA ASP B 93 -5.04 -1.99 -12.95
C ASP B 93 -5.37 -1.00 -14.10
N GLU B 94 -6.63 -0.90 -14.46
CA GLU B 94 -6.97 -0.16 -15.68
C GLU B 94 -8.41 0.26 -15.60
N GLY B 95 -8.68 1.59 -15.71
CA GLY B 95 -10.07 2.04 -15.63
C GLY B 95 -10.54 2.91 -16.80
N SER B 96 -9.71 3.07 -17.83
CA SER B 96 -10.02 4.03 -18.93
C SER B 96 -10.45 3.40 -20.24
N PHE B 97 -10.16 2.12 -20.44
CA PHE B 97 -10.13 1.70 -21.84
C PHE B 97 -11.50 1.82 -22.58
N HIS B 98 -12.60 1.51 -21.89
CA HIS B 98 -13.93 1.67 -22.46
C HIS B 98 -14.74 2.64 -21.59
N LEU B 99 -14.04 3.61 -21.01
CA LEU B 99 -14.68 4.66 -20.21
C LEU B 99 -15.09 5.76 -21.18
N LYS B 100 -16.38 5.84 -21.49
CA LYS B 100 -16.79 6.72 -22.58
C LYS B 100 -16.97 8.15 -22.09
N ASP B 101 -17.21 9.03 -23.05
CA ASP B 101 -17.38 10.46 -22.81
C ASP B 101 -18.43 10.84 -21.78
N THR B 102 -19.59 10.17 -21.81
CA THR B 102 -20.62 10.48 -20.83
C THR B 102 -20.16 10.25 -19.40
N ALA B 103 -19.54 9.09 -19.14
CA ALA B 103 -19.00 8.84 -17.85
C ALA B 103 -17.87 9.78 -17.46
N LYS B 104 -17.00 10.12 -18.40
CA LYS B 104 -15.93 11.05 -18.11
C LYS B 104 -16.46 12.44 -17.77
N ALA B 105 -17.49 12.87 -18.49
CA ALA B 105 -18.11 14.17 -18.16
C ALA B 105 -18.83 14.12 -16.79
N LEU B 106 -19.36 12.97 -16.40
CA LEU B 106 -19.94 12.84 -15.10
C LEU B 106 -18.86 12.90 -14.01
N LEU B 107 -17.75 12.18 -14.22
CA LEU B 107 -16.65 12.30 -13.28
C LEU B 107 -16.16 13.74 -13.14
N ARG B 108 -16.14 14.45 -14.26
CA ARG B 108 -15.72 15.85 -14.22
C ARG B 108 -16.75 16.67 -13.40
N SER B 109 -18.03 16.37 -13.57
CA SER B 109 -19.03 17.17 -12.82
C SER B 109 -18.92 16.96 -11.31
N LEU B 110 -18.43 15.80 -10.95
CA LEU B 110 -18.25 15.45 -9.55
C LEU B 110 -17.00 16.13 -9.00
N GLY B 111 -16.23 16.83 -9.85
CA GLY B 111 -15.09 17.60 -9.42
C GLY B 111 -13.73 17.07 -9.89
N SER B 112 -13.73 15.89 -10.50
CA SER B 112 -12.44 15.25 -10.79
C SER B 112 -11.64 15.93 -11.94
N GLN B 113 -10.32 16.08 -11.75
CA GLN B 113 -9.46 16.51 -12.84
C GLN B 113 -8.99 15.34 -13.66
N ALA B 114 -8.75 14.20 -12.98
CA ALA B 114 -8.15 13.06 -13.68
C ALA B 114 -9.19 12.26 -14.45
N GLY B 115 -10.37 12.11 -13.86
CA GLY B 115 -11.41 11.28 -14.50
C GLY B 115 -11.67 11.62 -15.97
N PRO B 116 -11.91 12.88 -16.31
CA PRO B 116 -12.16 13.24 -17.71
C PRO B 116 -10.95 13.04 -18.63
N ALA B 117 -9.77 12.90 -18.03
CA ALA B 117 -8.51 12.75 -18.80
C ALA B 117 -8.01 11.32 -18.73
N LEU B 118 -8.71 10.45 -18.03
CA LEU B 118 -8.08 9.15 -17.64
C LEU B 118 -7.67 8.35 -18.86
N GLY B 119 -6.44 7.87 -18.82
CA GLY B 119 -5.90 7.12 -19.92
C GLY B 119 -5.42 5.74 -19.50
N TRP B 120 -4.76 5.09 -20.48
CA TRP B 120 -4.45 3.67 -20.39
C TRP B 120 -3.51 3.34 -19.23
N ARG B 121 -4.03 2.51 -18.33
CA ARG B 121 -3.29 2.04 -17.15
C ARG B 121 -2.84 3.18 -16.25
N ASP B 122 -3.49 4.34 -16.31
CA ASP B 122 -3.24 5.37 -15.34
C ASP B 122 -3.74 4.95 -13.94
N THR B 123 -3.04 5.40 -12.92
CA THR B 123 -3.55 5.28 -11.56
C THR B 123 -4.24 6.58 -11.13
N TRP B 124 -5.21 6.43 -10.23
CA TRP B 124 -6.10 7.51 -9.85
C TRP B 124 -6.79 7.29 -8.50
N ALA B 125 -6.68 8.30 -7.64
CA ALA B 125 -7.38 8.27 -6.36
C ALA B 125 -8.06 9.60 -6.18
N PHE B 126 -9.29 9.57 -5.70
CA PHE B 126 -10.11 10.80 -5.62
C PHE B 126 -10.97 10.75 -4.37
N VAL B 127 -11.11 11.87 -3.67
CA VAL B 127 -12.06 11.98 -2.53
C VAL B 127 -12.74 13.32 -2.69
N GLY B 128 -14.06 13.35 -2.79
CA GLY B 128 -14.72 14.65 -2.97
C GLY B 128 -16.17 14.55 -2.57
N ARG B 129 -16.74 15.64 -2.16
CA ARG B 129 -18.19 15.67 -1.85
C ARG B 129 -19.00 15.88 -3.11
N LYS B 130 -20.11 15.15 -3.31
CA LYS B 130 -20.93 15.39 -4.51
C LYS B 130 -21.62 16.76 -4.36
N GLY B 131 -21.39 17.69 -5.27
CA GLY B 131 -21.84 19.06 -5.12
C GLY B 131 -20.68 19.99 -4.81
N GLY B 132 -19.53 19.38 -4.51
CA GLY B 132 -18.33 20.08 -4.12
C GLY B 132 -18.18 20.27 -2.63
N PRO B 133 -16.96 20.46 -2.12
CA PRO B 133 -15.73 20.53 -2.89
C PRO B 133 -15.02 19.19 -3.06
N VAL B 134 -13.95 19.19 -3.85
CA VAL B 134 -13.00 18.10 -3.88
C VAL B 134 -12.13 18.18 -2.61
N PHE B 135 -11.90 17.03 -1.96
CA PHE B 135 -11.01 17.04 -0.79
C PHE B 135 -9.58 16.70 -1.21
N GLY B 136 -9.42 15.75 -2.12
CA GLY B 136 -8.09 15.42 -2.59
C GLY B 136 -8.12 14.60 -3.85
N GLU B 137 -7.01 14.59 -4.61
CA GLU B 137 -6.94 13.82 -5.83
C GLU B 137 -5.48 13.62 -6.21
N LYS B 138 -5.20 12.39 -6.62
CA LYS B 138 -3.91 12.06 -7.22
C LYS B 138 -4.08 11.24 -8.49
N HIS B 139 -3.18 11.48 -9.44
CA HIS B 139 -3.25 10.83 -10.75
C HIS B 139 -1.85 10.64 -11.28
N SER B 140 -1.53 9.44 -11.76
CA SER B 140 -0.25 9.19 -12.42
C SER B 140 -0.50 8.57 -13.77
N LYS B 141 0.05 9.22 -14.80
CA LYS B 141 -0.08 8.69 -16.16
C LYS B 141 0.87 7.52 -16.43
N SER B 142 0.36 6.48 -17.06
CA SER B 142 1.23 5.42 -17.53
C SER B 142 2.23 5.97 -18.54
N PRO B 143 3.54 5.62 -18.36
CA PRO B 143 4.57 6.11 -19.30
C PRO B 143 4.68 5.33 -20.60
N ALA B 144 3.98 4.20 -20.72
CA ALA B 144 4.15 3.29 -21.85
C ALA B 144 3.07 2.22 -21.85
N LEU B 145 2.81 1.62 -23.01
CA LEU B 145 1.76 0.65 -23.18
C LEU B 145 1.87 -0.47 -22.16
N SER B 146 3.10 -0.95 -21.94
CA SER B 146 3.29 -2.13 -21.08
C SER B 146 3.55 -1.74 -19.64
N SER B 147 3.34 -0.47 -19.30
CA SER B 147 3.59 0.01 -17.95
C SER B 147 2.31 0.59 -17.37
N TRP B 148 2.37 0.82 -16.07
CA TRP B 148 1.26 1.40 -15.33
C TRP B 148 1.69 2.77 -14.78
N GLY B 149 0.72 3.60 -14.40
CA GLY B 149 1.03 4.77 -13.62
C GLY B 149 1.72 4.35 -12.33
N ASP B 150 2.40 5.28 -11.72
CA ASP B 150 3.00 5.05 -10.40
C ASP B 150 1.92 4.76 -9.40
N PRO B 151 2.19 3.90 -8.41
CA PRO B 151 1.22 3.86 -7.30
C PRO B 151 1.04 5.25 -6.69
N VAL B 152 -0.18 5.60 -6.31
CA VAL B 152 -0.43 6.85 -5.64
C VAL B 152 -1.18 6.58 -4.34
N LEU B 153 -0.78 7.32 -3.32
CA LEU B 153 -1.40 7.20 -2.01
C LEU B 153 -1.87 8.57 -1.56
N LEU B 154 -3.20 8.76 -1.59
CA LEU B 154 -3.80 10.02 -1.23
C LEU B 154 -4.17 9.98 0.22
N LYS B 155 -3.78 11.01 0.96
CA LYS B 155 -4.22 11.07 2.36
C LYS B 155 -4.90 12.42 2.58
N THR B 156 -6.16 12.44 2.99
CA THR B 156 -6.84 13.73 3.07
C THR B 156 -7.84 13.73 4.23
N ASP B 157 -8.09 14.92 4.77
CA ASP B 157 -9.02 15.00 5.87
C ASP B 157 -10.36 15.46 5.28
N VAL B 158 -11.45 14.84 5.72
CA VAL B 158 -12.79 15.15 5.29
C VAL B 158 -13.64 15.56 6.48
N PRO B 159 -14.18 16.79 6.48
CA PRO B 159 -15.04 17.27 7.57
C PRO B 159 -16.43 16.65 7.56
N LEU B 160 -16.91 16.25 8.74
CA LEU B 160 -18.25 15.70 8.89
C LEU B 160 -19.23 16.82 8.89
N SER B 161 -20.39 16.58 8.30
CA SER B 161 -21.51 17.48 8.39
C SER B 161 -22.18 17.20 9.72
N SER B 162 -23.37 17.74 9.90
CA SER B 162 -24.14 17.46 11.11
C SER B 162 -25.48 16.85 10.75
#